data_7LWA
#
_entry.id   7LWA
#
_cell.length_a   50.512
_cell.length_b   84.722
_cell.length_c   95.034
_cell.angle_alpha   90.000
_cell.angle_beta   90.000
_cell.angle_gamma   90.000
#
_symmetry.space_group_name_H-M   'P 2 21 21'
#
loop_
_entity.id
_entity.type
_entity.pdbx_description
1 polymer 'Exonuclease V'
2 polymer "DNA (5'-D(*TP*TP*TP*TP*TP*TP*TP*TP*TP*TP*TP*T)-3')"
3 non-polymer 'IRON/SULFUR CLUSTER'
4 non-polymer 1,2-ETHANEDIOL
5 non-polymer 'MAGNESIUM ION'
6 water water
#
loop_
_entity_poly.entity_id
_entity_poly.type
_entity_poly.pdbx_seq_one_letter_code
_entity_poly.pdbx_strand_id
1 'polypeptide(L)'
;SNALEDAQESKALVNMPGPSSESLGKDDKPISLQNWKRGLDILSPMERFHLKYLYVTDLAEQNWCELQTAYGKELPGFLA
PEKAAVLDTGASIHLARELELHDLVTVPVTTKEDAWAIKFLNILLLIPTLQSEGHIREFPVFGEVEGVLLVGVIDELHYT
AKGELELAELKTRRRPMLPLEAQKKKDCFQVSLYKYIFDAMVQGKVTPASLIHHTKLCLEKPLGPSVLRHAQQGGFSVKS
LGDLMELVFLSLTLSDLPVIDILKIEYIHQETATVLGTEIVAFKEKEVRAKVQHYMAYWMGHREPQGVDVEEAWKCRTCT
YADICEWRKGSGVLSSTLAPQVKKAK
;
A
2 'polydeoxyribonucleotide' (DT)(DT)(DT)(DT)(DT)(DT)(DT)(DT)(DT)(DT)(DT)(DT) B
#
loop_
_chem_comp.id
_chem_comp.type
_chem_comp.name
_chem_comp.formula
DT DNA linking THYMIDINE-5'-MONOPHOSPHATE 'C10 H15 N2 O8 P'
EDO non-polymer 1,2-ETHANEDIOL 'C2 H6 O2'
MG non-polymer 'MAGNESIUM ION' 'Mg 2'
SF4 non-polymer 'IRON/SULFUR CLUSTER' 'Fe4 S4'
#
# COMPACT_ATOMS: atom_id res chain seq x y z
N LEU A 43 3.63 -19.76 -16.88
CA LEU A 43 4.36 -18.63 -16.32
C LEU A 43 3.40 -17.62 -15.72
N SER A 44 3.51 -17.41 -14.41
CA SER A 44 2.60 -16.55 -13.69
C SER A 44 2.82 -15.08 -14.07
N PRO A 45 1.80 -14.25 -13.91
CA PRO A 45 1.97 -12.82 -14.23
C PRO A 45 3.07 -12.13 -13.44
N MET A 46 3.25 -12.51 -12.16
CA MET A 46 4.35 -11.95 -11.39
C MET A 46 5.69 -12.30 -12.00
N GLU A 47 5.81 -13.51 -12.57
CA GLU A 47 7.05 -13.91 -13.23
C GLU A 47 7.14 -13.31 -14.63
N ARG A 48 6.03 -13.26 -15.37
CA ARG A 48 6.04 -12.70 -16.71
C ARG A 48 6.42 -11.23 -16.69
N PHE A 49 5.75 -10.44 -15.85
CA PHE A 49 5.98 -9.01 -15.76
C PHE A 49 7.21 -8.65 -14.93
N HIS A 50 7.99 -9.65 -14.51
CA HIS A 50 9.21 -9.43 -13.73
C HIS A 50 8.92 -8.64 -12.47
N LEU A 51 7.86 -9.03 -11.77
CA LEU A 51 7.45 -8.39 -10.52
C LEU A 51 7.80 -9.29 -9.35
N LYS A 52 8.36 -8.69 -8.29
CA LYS A 52 8.68 -9.42 -7.07
C LYS A 52 7.87 -8.95 -5.87
N TYR A 53 7.14 -7.84 -5.99
CA TYR A 53 6.13 -7.46 -5.02
C TYR A 53 5.14 -6.54 -5.71
N LEU A 54 4.07 -6.19 -4.99
CA LEU A 54 2.99 -5.39 -5.53
C LEU A 54 2.76 -4.16 -4.66
N TYR A 55 2.16 -3.14 -5.28
CA TYR A 55 1.78 -1.92 -4.59
C TYR A 55 0.30 -1.97 -4.22
N VAL A 56 -0.06 -1.24 -3.16
CA VAL A 56 -1.45 -1.22 -2.72
C VAL A 56 -2.36 -0.65 -3.80
N THR A 57 -1.85 0.29 -4.61
CA THR A 57 -2.65 0.85 -5.69
C THR A 57 -2.81 -0.11 -6.85
N ASP A 58 -1.89 -1.07 -7.02
CA ASP A 58 -2.06 -2.07 -8.05
C ASP A 58 -3.32 -2.90 -7.80
N LEU A 59 -3.63 -3.16 -6.53
CA LEU A 59 -4.86 -3.86 -6.19
C LEU A 59 -6.07 -2.94 -6.23
N ALA A 60 -5.88 -1.65 -5.95
CA ALA A 60 -6.97 -0.69 -6.06
C ALA A 60 -7.39 -0.53 -7.52
N GLU A 61 -6.42 -0.35 -8.42
CA GLU A 61 -6.73 -0.33 -9.84
C GLU A 61 -7.28 -1.66 -10.32
N GLN A 62 -6.88 -2.76 -9.67
CA GLN A 62 -7.45 -4.06 -9.98
C GLN A 62 -8.92 -4.13 -9.60
N ASN A 63 -9.34 -3.38 -8.58
CA ASN A 63 -10.75 -3.31 -8.23
C ASN A 63 -11.54 -2.58 -9.30
N TRP A 64 -10.95 -1.55 -9.91
CA TRP A 64 -11.60 -0.85 -11.00
C TRP A 64 -11.79 -1.79 -12.20
N CYS A 65 -10.69 -2.34 -12.71
CA CYS A 65 -10.75 -3.39 -13.71
C CYS A 65 -9.50 -4.24 -13.60
N GLU A 66 -9.69 -5.54 -13.40
CA GLU A 66 -8.56 -6.45 -13.30
C GLU A 66 -7.86 -6.60 -14.64
N LEU A 67 -8.63 -6.65 -15.73
CA LEU A 67 -8.04 -6.80 -17.06
C LEU A 67 -7.27 -5.54 -17.47
N GLN A 68 -7.83 -4.37 -17.17
CA GLN A 68 -7.14 -3.12 -17.49
C GLN A 68 -5.84 -3.00 -16.69
N THR A 69 -5.84 -3.47 -15.44
CA THR A 69 -4.62 -3.49 -14.65
C THR A 69 -3.60 -4.45 -15.23
N ALA A 70 -4.06 -5.61 -15.71
CA ALA A 70 -3.16 -6.58 -16.34
C ALA A 70 -2.51 -6.00 -17.58
N TYR A 71 -3.30 -5.37 -18.45
CA TYR A 71 -2.75 -4.71 -19.63
C TYR A 71 -1.79 -3.60 -19.25
N GLY A 72 -2.03 -2.91 -18.14
CA GLY A 72 -1.14 -1.85 -17.71
C GLY A 72 0.25 -2.36 -17.34
N LYS A 73 0.34 -3.59 -16.83
CA LYS A 73 1.62 -4.17 -16.51
C LYS A 73 2.29 -4.82 -17.71
N GLU A 74 1.52 -5.16 -18.75
CA GLU A 74 2.07 -5.80 -19.94
C GLU A 74 2.51 -4.78 -21.00
N LEU A 75 1.70 -3.74 -21.21
CA LEU A 75 2.00 -2.69 -22.19
C LEU A 75 2.10 -1.37 -21.43
N PRO A 76 3.23 -1.12 -20.76
CA PRO A 76 3.33 0.09 -19.94
C PRO A 76 3.34 1.36 -20.79
N GLY A 77 2.64 2.37 -20.31
CA GLY A 77 2.55 3.65 -21.01
C GLY A 77 1.73 4.68 -20.26
N PRO A 108 20.39 4.43 -10.84
CA PRO A 108 20.67 3.22 -10.05
C PRO A 108 21.85 3.42 -9.10
N VAL A 109 22.08 4.66 -8.70
CA VAL A 109 23.18 4.95 -7.78
C VAL A 109 22.90 4.32 -6.42
N THR A 110 21.66 4.36 -5.97
CA THR A 110 21.27 3.68 -4.75
C THR A 110 20.95 2.21 -5.04
N THR A 111 20.92 1.41 -3.99
CA THR A 111 20.64 -0.01 -4.10
C THR A 111 19.36 -0.35 -3.34
N LYS A 112 18.78 -1.49 -3.70
CA LYS A 112 17.57 -1.94 -3.02
C LYS A 112 17.82 -2.18 -1.55
N GLU A 113 19.06 -2.55 -1.18
CA GLU A 113 19.41 -2.62 0.23
C GLU A 113 19.38 -1.23 0.87
N ASP A 114 19.84 -0.21 0.14
CA ASP A 114 19.84 1.14 0.68
C ASP A 114 18.43 1.72 0.74
N ALA A 115 17.63 1.49 -0.31
CA ALA A 115 16.28 2.03 -0.35
C ALA A 115 15.43 1.48 0.79
N TRP A 116 15.48 0.18 1.02
CA TRP A 116 14.72 -0.41 2.12
C TRP A 116 15.27 0.05 3.47
N ALA A 117 16.58 0.28 3.56
CA ALA A 117 17.15 0.80 4.80
C ALA A 117 16.62 2.20 5.09
N ILE A 118 16.49 3.04 4.07
CA ILE A 118 15.89 4.36 4.25
C ILE A 118 14.45 4.22 4.71
N LYS A 119 13.71 3.26 4.14
CA LYS A 119 12.34 3.02 4.55
C LYS A 119 12.28 2.57 6.01
N PHE A 120 13.27 1.79 6.45
CA PHE A 120 13.29 1.34 7.84
C PHE A 120 13.62 2.50 8.78
N LEU A 121 14.60 3.33 8.41
CA LEU A 121 14.95 4.46 9.26
C LEU A 121 13.81 5.46 9.37
N ASN A 122 13.04 5.63 8.29
CA ASN A 122 11.85 6.48 8.36
C ASN A 122 10.85 5.93 9.38
N ILE A 123 10.64 4.61 9.36
CA ILE A 123 9.72 3.99 10.31
C ILE A 123 10.22 4.19 11.74
N LEU A 124 11.51 3.94 11.97
CA LEU A 124 12.08 4.10 13.31
C LEU A 124 11.94 5.54 13.81
N LEU A 125 11.83 6.51 12.91
CA LEU A 125 11.62 7.89 13.31
C LEU A 125 10.15 8.26 13.44
N LEU A 126 9.28 7.65 12.62
CA LEU A 126 7.86 7.98 12.64
C LEU A 126 7.14 7.37 13.83
N ILE A 127 7.57 6.20 14.30
CA ILE A 127 6.89 5.56 15.42
C ILE A 127 6.92 6.42 16.68
N PRO A 128 8.07 6.93 17.15
CA PRO A 128 8.01 7.80 18.34
C PRO A 128 7.33 9.13 18.06
N THR A 129 7.38 9.62 16.82
CA THR A 129 6.69 10.87 16.49
C THR A 129 5.18 10.71 16.65
N LEU A 130 4.63 9.62 16.12
CA LEU A 130 3.20 9.38 16.28
C LEU A 130 2.83 9.14 17.74
N GLN A 131 3.72 8.52 18.50
CA GLN A 131 3.43 8.22 19.90
C GLN A 131 3.70 9.40 20.83
N SER A 132 4.32 10.47 20.34
CA SER A 132 4.57 11.67 21.14
C SER A 132 3.87 12.89 20.57
N GLU A 133 4.09 13.22 19.30
CA GLU A 133 3.42 14.35 18.67
C GLU A 133 1.99 14.02 18.25
N GLY A 134 1.66 12.74 18.11
CA GLY A 134 0.31 12.31 17.81
C GLY A 134 -0.10 12.43 16.36
N HIS A 135 0.81 12.80 15.46
CA HIS A 135 0.45 13.01 14.07
C HIS A 135 1.67 12.78 13.19
N ILE A 136 1.51 11.95 12.15
CA ILE A 136 2.57 11.67 11.19
C ILE A 136 1.97 11.60 9.80
N ARG A 137 2.83 11.76 8.80
CA ARG A 137 2.46 11.62 7.40
C ARG A 137 3.46 10.71 6.70
N GLU A 138 2.98 10.06 5.63
CA GLU A 138 3.81 9.20 4.79
C GLU A 138 4.46 8.08 5.61
N PHE A 139 3.60 7.19 6.11
CA PHE A 139 4.06 6.03 6.86
C PHE A 139 4.09 4.82 5.94
N PRO A 140 5.26 4.25 5.63
CA PRO A 140 5.30 3.11 4.73
C PRO A 140 4.79 1.84 5.40
N VAL A 141 4.11 1.01 4.62
CA VAL A 141 3.59 -0.27 5.09
C VAL A 141 4.03 -1.36 4.11
N PHE A 142 4.12 -2.58 4.63
CA PHE A 142 4.53 -3.73 3.83
C PHE A 142 4.19 -5.00 4.59
N GLY A 143 4.00 -6.08 3.85
CA GLY A 143 3.69 -7.36 4.45
C GLY A 143 3.24 -8.41 3.47
N GLU A 144 3.56 -9.67 3.73
CA GLU A 144 3.11 -10.76 2.87
C GLU A 144 1.61 -10.96 3.03
N VAL A 145 0.89 -10.94 1.91
CA VAL A 145 -0.56 -11.07 1.90
C VAL A 145 -0.92 -12.09 0.83
N GLU A 146 -1.30 -13.29 1.26
CA GLU A 146 -1.68 -14.39 0.36
C GLU A 146 -0.53 -14.73 -0.59
N GLY A 147 0.67 -14.90 -0.03
CA GLY A 147 1.83 -15.29 -0.79
C GLY A 147 2.45 -14.21 -1.63
N VAL A 148 1.92 -12.99 -1.59
CA VAL A 148 2.45 -11.86 -2.36
C VAL A 148 2.77 -10.73 -1.40
N LEU A 149 3.94 -10.13 -1.57
CA LEU A 149 4.34 -9.00 -0.75
C LEU A 149 3.65 -7.74 -1.24
N LEU A 150 2.92 -7.07 -0.34
CA LEU A 150 2.20 -5.85 -0.66
C LEU A 150 2.86 -4.68 0.05
N VAL A 151 3.16 -3.62 -0.69
CA VAL A 151 3.87 -2.45 -0.18
C VAL A 151 3.00 -1.21 -0.39
N GLY A 152 3.02 -0.31 0.59
CA GLY A 152 2.21 0.89 0.49
C GLY A 152 2.75 2.01 1.35
N VAL A 153 2.09 3.17 1.22
CA VAL A 153 2.42 4.36 2.00
C VAL A 153 1.11 4.98 2.46
N ILE A 154 0.95 5.11 3.78
CA ILE A 154 -0.24 5.75 4.34
C ILE A 154 -0.07 7.27 4.28
N ASP A 155 -1.11 7.97 3.82
CA ASP A 155 -1.03 9.42 3.70
C ASP A 155 -0.87 10.08 5.06
N GLU A 156 -1.71 9.69 6.03
CA GLU A 156 -1.75 10.40 7.31
C GLU A 156 -2.24 9.47 8.40
N LEU A 157 -1.61 9.57 9.57
CA LEU A 157 -2.02 8.84 10.76
C LEU A 157 -2.01 9.81 11.94
N HIS A 158 -3.06 9.78 12.74
CA HIS A 158 -3.15 10.66 13.90
C HIS A 158 -4.17 10.12 14.88
N TYR A 159 -3.93 10.39 16.16
CA TYR A 159 -4.90 10.07 17.20
C TYR A 159 -5.98 11.15 17.26
N THR A 160 -7.23 10.71 17.38
CA THR A 160 -8.33 11.64 17.49
C THR A 160 -8.39 12.23 18.89
N ALA A 161 -9.37 13.10 19.13
CA ALA A 161 -9.57 13.65 20.46
C ALA A 161 -10.02 12.61 21.47
N LYS A 162 -10.50 11.46 21.01
CA LYS A 162 -10.93 10.37 21.88
C LYS A 162 -9.88 9.26 21.97
N GLY A 163 -8.66 9.53 21.52
CA GLY A 163 -7.59 8.55 21.58
C GLY A 163 -7.65 7.45 20.56
N GLU A 164 -8.45 7.60 19.50
CA GLU A 164 -8.55 6.59 18.45
C GLU A 164 -7.54 6.90 17.35
N LEU A 165 -6.84 5.86 16.91
CA LEU A 165 -5.92 6.00 15.79
C LEU A 165 -6.71 6.05 14.49
N GLU A 166 -6.64 7.20 13.80
CA GLU A 166 -7.41 7.43 12.58
C GLU A 166 -6.48 7.53 11.39
N LEU A 167 -6.89 6.91 10.28
CA LEU A 167 -6.17 6.99 9.02
C LEU A 167 -6.92 7.92 8.08
N ALA A 168 -6.21 8.85 7.46
CA ALA A 168 -6.80 9.81 6.53
C ALA A 168 -6.18 9.64 5.16
N GLU A 169 -7.02 9.54 4.14
CA GLU A 169 -6.58 9.53 2.75
C GLU A 169 -7.30 10.65 2.01
N LEU A 170 -6.54 11.58 1.44
CA LEU A 170 -7.09 12.77 0.81
C LEU A 170 -7.17 12.58 -0.69
N LYS A 171 -8.35 12.82 -1.25
CA LYS A 171 -8.58 12.71 -2.69
C LYS A 171 -8.95 14.08 -3.23
N THR A 172 -8.10 14.62 -4.08
CA THR A 172 -8.34 15.92 -4.71
C THR A 172 -8.87 15.71 -6.11
N ARG A 173 -9.92 16.44 -6.46
CA ARG A 173 -10.49 16.41 -7.80
C ARG A 173 -10.43 17.80 -8.40
N ARG A 174 -10.08 17.89 -9.68
CA ARG A 174 -10.03 19.19 -10.34
C ARG A 174 -11.42 19.71 -10.67
N ARG A 175 -12.38 18.83 -10.92
CA ARG A 175 -13.76 19.19 -11.13
C ARG A 175 -14.57 18.97 -9.85
N PRO A 176 -15.43 19.90 -9.48
CA PRO A 176 -16.20 19.76 -8.24
C PRO A 176 -17.45 18.89 -8.41
N MET A 177 -17.24 17.62 -8.75
CA MET A 177 -18.31 16.63 -8.79
C MET A 177 -18.13 15.63 -7.66
N LEU A 178 -19.23 15.00 -7.26
CA LEU A 178 -19.16 13.92 -6.31
C LEU A 178 -18.41 12.73 -6.94
N PRO A 179 -17.67 11.97 -6.15
CA PRO A 179 -16.96 10.82 -6.70
C PRO A 179 -17.92 9.71 -7.08
N LEU A 180 -17.57 8.99 -8.15
CA LEU A 180 -18.39 7.87 -8.59
C LEU A 180 -18.38 6.76 -7.55
N GLU A 181 -19.50 6.02 -7.48
CA GLU A 181 -19.57 4.90 -6.55
C GLU A 181 -18.51 3.85 -6.87
N ALA A 182 -18.18 3.67 -8.14
CA ALA A 182 -17.08 2.77 -8.49
C ALA A 182 -15.74 3.32 -8.03
N GLN A 183 -15.58 4.65 -8.05
CA GLN A 183 -14.36 5.24 -7.52
C GLN A 183 -14.31 5.15 -6.00
N LYS A 184 -15.47 5.23 -5.34
CA LYS A 184 -15.49 5.10 -3.88
C LYS A 184 -15.21 3.67 -3.45
N LYS A 185 -15.73 2.68 -4.20
CA LYS A 185 -15.42 1.29 -3.90
C LYS A 185 -13.93 1.00 -4.06
N LYS A 186 -13.31 1.59 -5.09
CA LYS A 186 -11.87 1.41 -5.28
C LYS A 186 -11.09 2.08 -4.16
N ASP A 187 -11.49 3.29 -3.76
CA ASP A 187 -10.78 4.00 -2.70
C ASP A 187 -11.02 3.34 -1.34
N CYS A 188 -12.21 2.79 -1.11
CA CYS A 188 -12.46 2.09 0.14
C CYS A 188 -11.61 0.84 0.26
N PHE A 189 -11.36 0.16 -0.87
CA PHE A 189 -10.51 -1.02 -0.85
C PHE A 189 -9.06 -0.66 -0.62
N GLN A 190 -8.62 0.51 -1.08
CA GLN A 190 -7.23 0.93 -0.90
C GLN A 190 -6.94 1.17 0.58
N VAL A 191 -7.80 1.90 1.27
CA VAL A 191 -7.56 2.19 2.68
C VAL A 191 -7.81 0.96 3.54
N SER A 192 -8.74 0.09 3.13
CA SER A 192 -8.91 -1.17 3.83
C SER A 192 -7.66 -2.03 3.76
N LEU A 193 -6.94 -1.96 2.64
CA LEU A 193 -5.66 -2.65 2.53
C LEU A 193 -4.62 -2.02 3.44
N TYR A 194 -4.68 -0.70 3.61
CA TYR A 194 -3.74 -0.03 4.49
C TYR A 194 -3.89 -0.51 5.92
N LYS A 195 -5.12 -0.57 6.41
CA LYS A 195 -5.36 -1.11 7.75
C LYS A 195 -5.01 -2.59 7.83
N TYR A 196 -5.30 -3.33 6.76
CA TYR A 196 -4.98 -4.76 6.73
C TYR A 196 -3.49 -5.00 6.89
N ILE A 197 -2.66 -4.21 6.21
CA ILE A 197 -1.22 -4.39 6.31
C ILE A 197 -0.69 -3.77 7.60
N PHE A 198 -1.18 -2.59 7.96
CA PHE A 198 -0.69 -1.91 9.16
C PHE A 198 -0.98 -2.73 10.41
N ASP A 199 -2.21 -3.24 10.53
CA ASP A 199 -2.55 -4.05 11.70
C ASP A 199 -1.65 -5.27 11.82
N ALA A 200 -1.33 -5.90 10.68
CA ALA A 200 -0.43 -7.04 10.70
C ALA A 200 0.97 -6.64 11.11
N MET A 201 1.39 -5.41 10.81
CA MET A 201 2.73 -4.97 11.14
C MET A 201 2.90 -4.78 12.65
N VAL A 202 2.01 -4.00 13.26
CA VAL A 202 2.14 -3.69 14.68
C VAL A 202 1.77 -4.85 15.59
N GLN A 203 1.19 -5.92 15.04
CA GLN A 203 0.81 -7.08 15.84
C GLN A 203 1.78 -8.24 15.69
N GLY A 204 2.90 -8.05 15.00
CA GLY A 204 3.92 -9.06 14.91
C GLY A 204 3.74 -10.11 13.85
N LYS A 205 2.96 -9.84 12.80
CA LYS A 205 2.72 -10.80 11.74
C LYS A 205 3.66 -10.62 10.56
N VAL A 206 4.41 -9.52 10.50
CA VAL A 206 5.35 -9.25 9.42
C VAL A 206 6.76 -9.38 9.99
N THR A 207 7.45 -10.44 9.59
CA THR A 207 8.79 -10.74 10.04
C THR A 207 9.83 -10.24 9.04
N PRO A 208 11.07 -10.02 9.48
CA PRO A 208 12.13 -9.69 8.51
C PRO A 208 12.41 -10.82 7.53
N ALA A 209 12.14 -12.07 7.92
CA ALA A 209 12.38 -13.19 7.01
C ALA A 209 11.42 -13.18 5.83
N SER A 210 10.18 -12.78 6.05
CA SER A 210 9.21 -12.72 4.96
C SER A 210 9.59 -11.67 3.93
N LEU A 211 10.17 -10.55 4.36
CA LEU A 211 10.60 -9.53 3.43
C LEU A 211 11.84 -9.96 2.66
N ILE A 212 12.80 -10.58 3.35
CA ILE A 212 14.02 -11.04 2.67
C ILE A 212 13.70 -12.14 1.67
N HIS A 213 12.75 -13.01 2.01
CA HIS A 213 12.35 -14.06 1.06
C HIS A 213 11.71 -13.46 -0.19
N HIS A 214 11.03 -12.33 -0.06
CA HIS A 214 10.30 -11.75 -1.17
C HIS A 214 11.08 -10.68 -1.93
N THR A 215 11.98 -9.96 -1.27
CA THR A 215 12.71 -8.87 -1.90
C THR A 215 14.14 -9.24 -2.28
N LYS A 216 14.63 -10.40 -1.85
CA LYS A 216 16.00 -10.85 -2.13
C LYS A 216 17.04 -9.89 -1.55
N LEU A 217 16.75 -9.30 -0.41
CA LEU A 217 17.71 -8.43 0.26
C LEU A 217 18.87 -9.25 0.81
N CYS A 218 20.09 -8.86 0.45
CA CYS A 218 21.29 -9.50 0.97
C CYS A 218 21.73 -8.77 2.23
N LEU A 219 21.73 -9.48 3.36
CA LEU A 219 21.97 -8.85 4.65
C LEU A 219 23.44 -8.57 4.92
N GLU A 220 24.36 -9.32 4.30
CA GLU A 220 25.78 -9.12 4.56
C GLU A 220 26.38 -8.01 3.70
N LYS A 221 25.65 -7.53 2.70
CA LYS A 221 26.09 -6.35 1.97
C LYS A 221 26.02 -5.14 2.88
N PRO A 222 27.13 -4.46 3.15
CA PRO A 222 27.08 -3.31 4.06
C PRO A 222 26.33 -2.14 3.43
N LEU A 223 25.66 -1.37 4.29
CA LEU A 223 24.88 -0.24 3.83
C LEU A 223 25.77 0.86 3.29
N GLY A 224 25.37 1.44 2.17
CA GLY A 224 26.12 2.49 1.53
C GLY A 224 26.13 3.77 2.33
N PRO A 225 27.18 4.58 2.16
CA PRO A 225 27.33 5.79 2.99
C PRO A 225 26.15 6.74 2.91
N SER A 226 25.29 6.63 1.89
CA SER A 226 24.10 7.47 1.83
C SER A 226 23.15 7.19 2.99
N VAL A 227 23.09 5.94 3.44
CA VAL A 227 22.16 5.56 4.50
C VAL A 227 22.72 5.92 5.87
N LEU A 228 24.00 5.64 6.09
CA LEU A 228 24.63 6.05 7.34
C LEU A 228 24.61 7.57 7.49
N ARG A 229 24.65 8.30 6.37
CA ARG A 229 24.43 9.74 6.41
C ARG A 229 23.03 10.05 6.92
N HIS A 230 22.01 9.53 6.24
CA HIS A 230 20.62 9.70 6.65
C HIS A 230 20.37 9.22 8.07
N ALA A 231 21.18 8.29 8.58
CA ALA A 231 20.96 7.69 9.89
C ALA A 231 21.58 8.52 11.01
N GLN A 232 22.91 8.59 11.04
CA GLN A 232 23.60 9.26 12.14
C GLN A 232 23.26 10.73 12.23
N GLN A 233 22.70 11.32 11.18
CA GLN A 233 22.15 12.67 11.27
C GLN A 233 21.08 12.74 12.35
N GLY A 234 20.28 11.68 12.48
CA GLY A 234 19.30 11.56 13.54
C GLY A 234 19.84 10.99 14.84
N GLY A 235 21.14 10.73 14.92
CA GLY A 235 21.76 10.29 16.15
C GLY A 235 21.93 8.79 16.28
N PHE A 236 21.18 7.99 15.51
CA PHE A 236 21.23 6.54 15.66
C PHE A 236 22.42 5.95 14.92
N SER A 237 23.01 4.92 15.50
CA SER A 237 24.15 4.21 14.94
C SER A 237 23.66 2.86 14.38
N VAL A 238 23.69 2.72 13.07
CA VAL A 238 23.28 1.47 12.44
C VAL A 238 24.44 0.48 12.45
N LYS A 239 24.13 -0.79 12.63
CA LYS A 239 25.11 -1.85 12.48
C LYS A 239 25.09 -2.34 11.05
N SER A 240 24.55 -3.54 10.82
CA SER A 240 24.30 -4.06 9.49
C SER A 240 22.82 -3.90 9.15
N LEU A 241 22.45 -4.31 7.93
CA LEU A 241 21.05 -4.23 7.53
C LEU A 241 20.19 -5.18 8.34
N GLY A 242 20.71 -6.34 8.70
CA GLY A 242 19.93 -7.28 9.50
C GLY A 242 19.57 -6.72 10.86
N ASP A 243 20.52 -6.09 11.54
CA ASP A 243 20.23 -5.47 12.82
C ASP A 243 19.28 -4.29 12.67
N LEU A 244 19.32 -3.61 11.51
CA LEU A 244 18.38 -2.53 11.26
C LEU A 244 16.95 -3.08 11.16
N MET A 245 16.79 -4.26 10.56
CA MET A 245 15.46 -4.84 10.39
C MET A 245 14.92 -5.37 11.72
N GLU A 246 15.79 -5.96 12.55
CA GLU A 246 15.33 -6.50 13.82
C GLU A 246 14.87 -5.41 14.77
N LEU A 247 15.50 -4.22 14.71
CA LEU A 247 15.03 -3.10 15.52
C LEU A 247 13.70 -2.57 15.01
N VAL A 248 13.48 -2.59 13.70
CA VAL A 248 12.20 -2.16 13.15
C VAL A 248 11.09 -3.10 13.60
N PHE A 249 11.33 -4.42 13.54
CA PHE A 249 10.34 -5.38 14.00
C PHE A 249 10.05 -5.20 15.49
N LEU A 250 11.09 -4.92 16.28
CA LEU A 250 10.89 -4.69 17.71
C LEU A 250 10.08 -3.42 17.94
N SER A 251 10.44 -2.33 17.27
CA SER A 251 9.76 -1.06 17.50
C SER A 251 8.33 -1.07 16.98
N LEU A 252 8.03 -1.90 15.97
CA LEU A 252 6.68 -1.97 15.46
C LEU A 252 5.76 -2.70 16.44
N THR A 253 6.26 -3.74 17.08
CA THR A 253 5.42 -4.63 17.88
C THR A 253 5.44 -4.34 19.38
N LEU A 254 6.48 -3.68 19.89
CA LEU A 254 6.66 -3.53 21.33
C LEU A 254 6.54 -2.09 21.83
N SER A 255 6.11 -1.17 20.96
CA SER A 255 6.01 0.26 21.27
C SER A 255 4.57 0.73 21.45
N ASP A 256 3.65 -0.19 21.79
CA ASP A 256 2.27 0.14 22.13
C ASP A 256 1.54 0.81 20.97
N LEU A 257 1.83 0.38 19.75
CA LEU A 257 1.10 0.85 18.58
C LEU A 257 -0.22 0.08 18.46
N PRO A 258 -1.36 0.75 18.47
CA PRO A 258 -2.64 0.05 18.34
C PRO A 258 -3.02 -0.16 16.88
N VAL A 259 -4.10 -0.89 16.68
CA VAL A 259 -4.67 -1.06 15.35
C VAL A 259 -5.40 0.21 14.94
N ILE A 260 -5.50 0.44 13.63
CA ILE A 260 -6.18 1.62 13.12
C ILE A 260 -7.68 1.48 13.43
N ASP A 261 -8.22 2.48 14.12
CA ASP A 261 -9.62 2.43 14.52
C ASP A 261 -10.56 2.99 13.45
N ILE A 262 -10.17 4.07 12.79
CA ILE A 262 -11.05 4.79 11.86
C ILE A 262 -10.36 4.89 10.50
N LEU A 263 -11.09 4.55 9.45
CA LEU A 263 -10.65 4.73 8.07
C LEU A 263 -11.49 5.82 7.44
N LYS A 264 -10.85 6.92 7.04
CA LYS A 264 -11.55 8.13 6.62
C LYS A 264 -11.02 8.59 5.27
N ILE A 265 -11.90 8.67 4.28
CA ILE A 265 -11.58 9.20 2.96
C ILE A 265 -12.27 10.54 2.80
N GLU A 266 -11.54 11.53 2.30
CA GLU A 266 -12.04 12.89 2.14
C GLU A 266 -11.83 13.34 0.70
N TYR A 267 -12.90 13.80 0.06
CA TYR A 267 -12.87 14.28 -1.31
C TYR A 267 -12.96 15.79 -1.32
N ILE A 268 -11.99 16.44 -1.96
CA ILE A 268 -11.85 17.90 -1.95
C ILE A 268 -11.71 18.39 -3.38
N HIS A 269 -12.33 19.53 -3.67
CA HIS A 269 -12.10 20.23 -4.93
C HIS A 269 -10.78 20.97 -4.86
N GLN A 270 -9.95 20.81 -5.91
CA GLN A 270 -8.59 21.35 -5.87
C GLN A 270 -8.59 22.86 -5.68
N GLU A 271 -9.34 23.58 -6.51
CA GLU A 271 -9.33 25.04 -6.46
C GLU A 271 -10.04 25.57 -5.21
N THR A 272 -11.38 25.52 -5.21
CA THR A 272 -12.17 26.16 -4.16
C THR A 272 -12.04 25.49 -2.80
N ALA A 273 -11.34 24.35 -2.71
CA ALA A 273 -11.16 23.63 -1.44
C ALA A 273 -12.50 23.28 -0.80
N THR A 274 -13.45 22.85 -1.64
CA THR A 274 -14.76 22.44 -1.16
C THR A 274 -14.77 20.95 -0.87
N VAL A 275 -15.42 20.56 0.23
CA VAL A 275 -15.52 19.15 0.60
C VAL A 275 -16.59 18.50 -0.27
N LEU A 276 -16.17 17.53 -1.09
CA LEU A 276 -17.06 16.85 -2.01
C LEU A 276 -17.65 15.57 -1.44
N GLY A 277 -17.46 15.32 -0.15
CA GLY A 277 -17.96 14.13 0.49
C GLY A 277 -16.89 13.51 1.38
N THR A 278 -17.34 12.72 2.36
CA THR A 278 -16.45 12.09 3.32
C THR A 278 -16.97 10.69 3.62
N GLU A 279 -16.18 9.68 3.29
CA GLU A 279 -16.52 8.29 3.54
C GLU A 279 -15.82 7.78 4.79
N ILE A 280 -16.54 7.03 5.60
CA ILE A 280 -16.00 6.34 6.75
C ILE A 280 -16.10 4.85 6.47
N VAL A 281 -14.98 4.24 6.09
CA VAL A 281 -14.98 2.86 5.60
C VAL A 281 -15.37 1.92 6.73
N ALA A 282 -16.41 1.13 6.52
CA ALA A 282 -16.82 0.09 7.46
C ALA A 282 -15.94 -1.13 7.22
N PHE A 283 -14.85 -1.21 7.98
CA PHE A 283 -13.88 -2.28 7.79
C PHE A 283 -14.44 -3.61 8.31
N LYS A 284 -14.45 -4.62 7.43
CA LYS A 284 -14.80 -5.98 7.80
C LYS A 284 -13.68 -6.90 7.36
N GLU A 285 -13.00 -7.53 8.32
CA GLU A 285 -11.77 -8.26 8.02
C GLU A 285 -12.03 -9.43 7.07
N LYS A 286 -13.13 -10.15 7.28
CA LYS A 286 -13.39 -11.33 6.45
C LYS A 286 -13.62 -10.96 5.00
N GLU A 287 -14.39 -9.89 4.74
CA GLU A 287 -14.61 -9.46 3.36
C GLU A 287 -13.33 -8.96 2.71
N VAL A 288 -12.51 -8.24 3.48
CA VAL A 288 -11.24 -7.75 2.94
C VAL A 288 -10.33 -8.91 2.58
N ARG A 289 -10.23 -9.91 3.46
CA ARG A 289 -9.38 -11.06 3.18
C ARG A 289 -9.89 -11.83 1.97
N ALA A 290 -11.20 -12.01 1.85
CA ALA A 290 -11.75 -12.76 0.73
C ALA A 290 -11.47 -12.07 -0.60
N LYS A 291 -11.65 -10.75 -0.65
CA LYS A 291 -11.37 -10.02 -1.89
C LYS A 291 -9.89 -10.07 -2.24
N VAL A 292 -9.02 -10.02 -1.23
CA VAL A 292 -7.59 -10.08 -1.49
C VAL A 292 -7.21 -11.46 -2.01
N GLN A 293 -7.73 -12.51 -1.37
CA GLN A 293 -7.46 -13.87 -1.83
C GLN A 293 -7.88 -14.04 -3.29
N HIS A 294 -8.96 -13.39 -3.69
CA HIS A 294 -9.42 -13.48 -5.08
C HIS A 294 -8.49 -12.71 -6.02
N TYR A 295 -8.02 -11.54 -5.60
CA TYR A 295 -7.16 -10.73 -6.46
C TYR A 295 -5.76 -11.33 -6.56
N MET A 296 -5.18 -11.72 -5.42
CA MET A 296 -3.87 -12.35 -5.44
C MET A 296 -3.88 -13.68 -6.18
N ALA A 297 -5.05 -14.30 -6.32
CA ALA A 297 -5.13 -15.56 -7.06
C ALA A 297 -4.78 -15.36 -8.53
N TYR A 298 -5.14 -14.21 -9.09
CA TYR A 298 -4.76 -13.93 -10.48
C TYR A 298 -3.26 -13.70 -10.59
N TRP A 299 -2.70 -12.85 -9.72
CA TRP A 299 -1.29 -12.49 -9.82
C TRP A 299 -0.40 -13.72 -9.68
N MET A 300 -0.79 -14.68 -8.85
CA MET A 300 -0.03 -15.92 -8.72
C MET A 300 -0.24 -16.88 -9.87
N GLY A 301 -1.17 -16.58 -10.78
CA GLY A 301 -1.39 -17.41 -11.95
C GLY A 301 -2.31 -18.59 -11.75
N HIS A 302 -3.34 -18.45 -10.92
CA HIS A 302 -4.27 -19.55 -10.65
C HIS A 302 -5.61 -19.38 -11.37
N ARG A 303 -5.85 -18.23 -12.01
CA ARG A 303 -7.09 -18.01 -12.73
C ARG A 303 -6.87 -16.89 -13.75
N GLU A 304 -7.75 -16.87 -14.75
CA GLU A 304 -7.67 -15.85 -15.79
C GLU A 304 -8.20 -14.51 -15.27
N PRO A 305 -7.66 -13.40 -15.77
CA PRO A 305 -8.14 -12.09 -15.32
C PRO A 305 -9.53 -11.79 -15.88
N GLN A 306 -10.29 -11.01 -15.11
CA GLN A 306 -11.65 -10.66 -15.45
C GLN A 306 -11.75 -9.19 -15.85
N GLY A 307 -12.64 -8.91 -16.80
CA GLY A 307 -13.01 -7.56 -17.13
C GLY A 307 -14.10 -7.05 -16.20
N VAL A 308 -14.58 -5.85 -16.51
CA VAL A 308 -15.63 -5.24 -15.69
C VAL A 308 -16.97 -5.90 -16.01
N ASP A 309 -17.89 -5.78 -15.06
CA ASP A 309 -19.23 -6.31 -15.24
C ASP A 309 -19.97 -5.50 -16.32
N VAL A 310 -21.11 -6.05 -16.76
CA VAL A 310 -21.83 -5.44 -17.87
C VAL A 310 -22.48 -4.13 -17.44
N GLU A 311 -22.90 -4.03 -16.18
CA GLU A 311 -23.49 -2.78 -15.70
C GLU A 311 -22.46 -1.67 -15.56
N GLU A 312 -21.17 -2.01 -15.53
CA GLU A 312 -20.09 -1.03 -15.52
C GLU A 312 -19.34 -1.01 -16.85
N ALA A 313 -20.04 -1.26 -17.96
CA ALA A 313 -19.42 -1.26 -19.27
C ALA A 313 -18.96 0.12 -19.70
N TRP A 314 -19.43 1.17 -19.02
CA TRP A 314 -18.99 2.53 -19.34
C TRP A 314 -17.51 2.75 -19.02
N LYS A 315 -16.91 1.87 -18.22
CA LYS A 315 -15.51 2.05 -17.84
C LYS A 315 -14.60 1.91 -19.05
N CYS A 316 -15.02 1.17 -20.07
CA CYS A 316 -14.21 0.94 -21.26
C CYS A 316 -14.29 2.08 -22.27
N ARG A 317 -15.22 3.01 -22.09
CA ARG A 317 -15.30 4.17 -22.98
C ARG A 317 -14.01 4.97 -22.97
N THR A 318 -13.32 5.00 -21.82
CA THR A 318 -12.08 5.75 -21.66
C THR A 318 -10.88 4.84 -21.40
N CYS A 319 -11.05 3.53 -21.47
CA CYS A 319 -9.95 2.63 -21.20
C CYS A 319 -8.93 2.66 -22.32
N THR A 320 -7.65 2.71 -21.95
CA THR A 320 -6.58 2.78 -22.95
C THR A 320 -6.59 1.56 -23.86
N TYR A 321 -6.90 0.39 -23.31
CA TYR A 321 -6.80 -0.87 -24.02
C TYR A 321 -8.14 -1.38 -24.54
N ALA A 322 -9.12 -0.48 -24.72
CA ALA A 322 -10.43 -0.89 -25.21
C ALA A 322 -10.39 -1.34 -26.66
N ASP A 323 -9.33 -1.01 -27.39
CA ASP A 323 -9.25 -1.33 -28.81
C ASP A 323 -8.69 -2.72 -29.08
N ILE A 324 -8.18 -3.41 -28.07
CA ILE A 324 -7.65 -4.77 -28.26
C ILE A 324 -8.14 -5.68 -27.13
N CYS A 325 -9.03 -5.16 -26.28
CA CYS A 325 -9.59 -5.97 -25.20
C CYS A 325 -10.70 -6.84 -25.77
N GLU A 326 -10.47 -8.14 -25.80
CA GLU A 326 -11.46 -9.09 -26.31
C GLU A 326 -12.54 -9.41 -25.28
N TRP A 327 -12.45 -8.89 -24.06
CA TRP A 327 -13.54 -9.00 -23.11
C TRP A 327 -14.66 -8.03 -23.44
N ARG A 328 -14.31 -6.80 -23.81
CA ARG A 328 -15.31 -5.82 -24.22
C ARG A 328 -16.02 -6.26 -25.51
N LYS A 329 -15.34 -7.04 -26.35
CA LYS A 329 -15.98 -7.56 -27.56
C LYS A 329 -16.88 -8.74 -27.23
N GLY A 330 -16.46 -9.61 -26.32
CA GLY A 330 -17.25 -10.76 -25.94
C GLY A 330 -18.23 -10.47 -24.82
FE1 SF4 C . -10.51 -1.83 -20.50
FE2 SF4 C . -13.14 -2.55 -20.28
FE3 SF4 C . -11.28 -3.63 -18.59
FE4 SF4 C . -11.32 -4.34 -21.23
S1 SF4 C . -12.94 -4.74 -19.68
S2 SF4 C . -9.49 -3.80 -19.98
S3 SF4 C . -11.92 -2.37 -22.21
S4 SF4 C . -11.88 -1.44 -18.73
C1 EDO D . 9.64 -6.35 9.34
O1 EDO D . 9.41 -6.71 10.70
C2 EDO D . 10.85 -5.43 9.26
O2 EDO D . 11.96 -6.05 9.91
MG MG E . -2.85 8.96 -0.43
#